data_4F7F
#
_entry.id   4F7F
#
_cell.length_a   130.794
_cell.length_b   36.374
_cell.length_c   96.154
_cell.angle_alpha   90.00
_cell.angle_beta   91.22
_cell.angle_gamma   90.00
#
_symmetry.space_group_name_H-M   'C 1 2 1'
#
loop_
_entity.id
_entity.type
_entity.pdbx_description
1 polymer AGAP005208-PA
2 non-polymer 'NONAETHYLENE GLYCOL'
3 non-polymer 1-(2-METHOXY-ETHOXY)-2-{2-[2-(2-METHOXY-ETHOXY]-ETHOXY}-ETHANE
4 water water
#
_entity_poly.entity_id   1
_entity_poly.type   'polypeptide(L)'
_entity_poly.pdbx_seq_one_letter_code
;MTVEQMMKSGEMIRSVCLGKTKVAEELVNGLRESKFADVKELKCYVNCVMEMMQTMKKGKLNYDASVKQIDTIMPDELAG
PMRAALDICRTVADGIKNNCDAAYVLLQCLSKNNPKFIFP
;
_entity_poly.pdbx_strand_id   A,B,C,D
#
loop_
_chem_comp.id
_chem_comp.type
_chem_comp.name
_chem_comp.formula
2PE non-polymer 'NONAETHYLENE GLYCOL' 'C18 H38 O10'
PG6 non-polymer 1-(2-METHOXY-ETHOXY)-2-{2-[2-(2-METHOXY-ETHOXY]-ETHOXY}-ETHANE 'C12 H26 O6'
#
# COMPACT_ATOMS: atom_id res chain seq x y z
N THR A 2 27.19 -2.92 -7.02
CA THR A 2 28.36 -2.13 -6.65
C THR A 2 29.41 -3.08 -6.07
N VAL A 3 30.61 -2.57 -5.77
CA VAL A 3 31.64 -3.43 -5.17
C VAL A 3 31.22 -3.96 -3.82
N GLU A 4 30.73 -3.09 -2.94
CA GLU A 4 30.37 -3.51 -1.59
C GLU A 4 29.19 -4.51 -1.60
N GLN A 5 28.14 -4.19 -2.36
CA GLN A 5 27.02 -5.12 -2.49
C GLN A 5 27.45 -6.45 -3.10
N MET A 6 28.28 -6.40 -4.13
CA MET A 6 28.74 -7.64 -4.72
C MET A 6 29.45 -8.46 -3.67
N MET A 7 30.30 -7.83 -2.85
CA MET A 7 31.07 -8.62 -1.90
C MET A 7 30.15 -9.18 -0.82
N LYS A 8 29.22 -8.35 -0.33
CA LYS A 8 28.28 -8.82 0.69
C LYS A 8 27.43 -10.00 0.19
N SER A 9 26.87 -9.87 -1.02
CA SER A 9 26.03 -10.91 -1.58
C SER A 9 26.81 -12.20 -1.81
N GLY A 10 28.02 -12.05 -2.36
CA GLY A 10 28.81 -13.22 -2.72
C GLY A 10 29.22 -13.97 -1.48
N GLU A 11 29.55 -13.22 -0.43
CA GLU A 11 29.99 -13.81 0.83
C GLU A 11 28.84 -14.58 1.46
N MET A 12 27.64 -14.05 1.37
CA MET A 12 26.51 -14.71 1.97
C MET A 12 26.15 -15.95 1.15
N ILE A 13 26.11 -15.79 -0.16
CA ILE A 13 25.74 -16.92 -1.02
C ILE A 13 26.74 -18.07 -0.89
N ARG A 14 28.03 -17.73 -0.88
CA ARG A 14 29.02 -18.76 -0.65
C ARG A 14 28.73 -19.54 0.64
N SER A 15 28.51 -18.86 1.75
CA SER A 15 28.38 -19.62 3.01
C SER A 15 27.12 -20.49 3.02
N VAL A 16 26.04 -20.00 2.43
CA VAL A 16 24.81 -20.80 2.34
C VAL A 16 24.98 -22.07 1.48
N CYS A 17 25.56 -21.88 0.31
CA CYS A 17 25.70 -22.97 -0.66
C CYS A 17 26.80 -23.94 -0.22
N LEU A 18 27.84 -23.44 0.47
CA LEU A 18 28.84 -24.31 1.08
C LEU A 18 28.16 -25.27 2.00
N GLY A 19 27.30 -24.70 2.85
CA GLY A 19 26.65 -25.49 3.88
C GLY A 19 25.69 -26.49 3.28
N LYS A 20 24.92 -26.06 2.30
CA LYS A 20 23.90 -26.92 1.74
C LYS A 20 24.48 -28.12 0.97
N THR A 21 25.56 -27.90 0.23
CA THR A 21 25.98 -28.91 -0.75
C THR A 21 27.07 -29.82 -0.21
N LYS A 22 27.58 -29.51 0.99
CA LYS A 22 28.64 -30.32 1.61
C LYS A 22 29.85 -30.47 0.71
N VAL A 23 30.16 -29.41 -0.06
CA VAL A 23 31.31 -29.37 -0.96
C VAL A 23 32.52 -28.92 -0.19
N ALA A 24 33.69 -29.39 -0.64
CA ALA A 24 34.98 -28.98 -0.06
C ALA A 24 35.27 -27.55 -0.46
N GLU A 25 35.55 -26.68 0.52
CA GLU A 25 35.85 -25.29 0.17
C GLU A 25 37.09 -25.14 -0.72
N GLU A 26 38.10 -26.00 -0.62
CA GLU A 26 39.22 -25.84 -1.54
C GLU A 26 38.77 -26.02 -2.99
N LEU A 27 37.77 -26.87 -3.22
CA LEU A 27 37.31 -27.13 -4.58
C LEU A 27 36.54 -25.90 -5.09
N VAL A 28 35.81 -25.26 -4.18
CA VAL A 28 35.08 -24.04 -4.56
C VAL A 28 36.06 -22.94 -4.96
N ASN A 29 37.15 -22.81 -4.21
CA ASN A 29 38.16 -21.82 -4.56
C ASN A 29 38.74 -22.11 -5.94
N GLY A 30 38.79 -23.39 -6.31
CA GLY A 30 39.37 -23.78 -7.57
C GLY A 30 38.59 -23.28 -8.78
N LEU A 31 37.32 -22.97 -8.56
CA LEU A 31 36.43 -22.52 -9.65
C LEU A 31 36.85 -21.18 -10.25
N ARG A 32 37.65 -20.41 -9.53
CA ARG A 32 38.16 -19.16 -10.06
C ARG A 32 39.51 -19.39 -10.77
N GLU A 33 39.93 -20.65 -10.82
CA GLU A 33 41.21 -21.01 -11.42
C GLU A 33 41.02 -21.94 -12.62
N SER A 34 39.81 -21.95 -13.16
CA SER A 34 39.46 -22.88 -14.23
C SER A 34 39.78 -24.33 -13.88
N LYS A 35 39.64 -24.69 -12.62
CA LYS A 35 39.72 -26.08 -12.26
C LYS A 35 38.30 -26.58 -12.10
N PHE A 36 37.86 -27.45 -12.99
CA PHE A 36 36.46 -27.87 -12.98
C PHE A 36 36.30 -29.38 -12.87
N ALA A 37 36.72 -29.95 -11.75
CA ALA A 37 36.72 -31.39 -11.62
C ALA A 37 35.29 -31.85 -11.62
N ASP A 38 35.10 -33.10 -12.04
CA ASP A 38 33.78 -33.68 -12.13
C ASP A 38 33.41 -34.24 -10.75
N VAL A 39 33.06 -33.33 -9.85
CA VAL A 39 32.73 -33.63 -8.48
C VAL A 39 31.30 -33.19 -8.22
N LYS A 40 30.46 -34.14 -7.88
CA LYS A 40 29.05 -33.89 -7.68
C LYS A 40 28.75 -32.73 -6.74
N GLU A 41 29.41 -32.69 -5.58
CA GLU A 41 29.14 -31.64 -4.61
C GLU A 41 29.50 -30.27 -5.18
N LEU A 42 30.56 -30.22 -5.99
CA LEU A 42 30.98 -28.97 -6.62
C LEU A 42 29.98 -28.52 -7.69
N LYS A 43 29.50 -29.45 -8.51
CA LYS A 43 28.48 -29.14 -9.50
C LYS A 43 27.24 -28.60 -8.78
N CYS A 44 26.89 -29.19 -7.63
CA CYS A 44 25.70 -28.76 -6.95
C CYS A 44 25.92 -27.44 -6.22
N TYR A 45 27.13 -27.19 -5.76
CA TYR A 45 27.47 -25.87 -5.22
C TYR A 45 27.18 -24.80 -6.29
N VAL A 46 27.66 -25.04 -7.50
CA VAL A 46 27.45 -24.08 -8.60
C VAL A 46 25.96 -23.90 -8.87
N ASN A 47 25.20 -24.99 -8.90
CA ASN A 47 23.77 -24.88 -9.08
C ASN A 47 23.10 -24.04 -7.96
N CYS A 48 23.51 -24.26 -6.72
CA CYS A 48 22.98 -23.48 -5.60
C CYS A 48 23.24 -21.98 -5.76
N VAL A 49 24.47 -21.65 -6.13
CA VAL A 49 24.80 -20.24 -6.40
C VAL A 49 23.89 -19.62 -7.48
N MET A 50 23.74 -20.32 -8.61
CA MET A 50 22.87 -19.81 -9.68
C MET A 50 21.42 -19.71 -9.29
N GLU A 51 20.94 -20.62 -8.44
CA GLU A 51 19.57 -20.53 -7.93
C GLU A 51 19.42 -19.36 -6.99
N MET A 52 20.40 -19.11 -6.12
CA MET A 52 20.31 -17.94 -5.22
C MET A 52 20.36 -16.61 -5.99
N MET A 53 20.93 -16.66 -7.18
CA MET A 53 21.05 -15.48 -8.05
C MET A 53 19.94 -15.42 -9.09
N GLN A 54 18.97 -16.33 -8.98
CA GLN A 54 17.84 -16.37 -9.92
C GLN A 54 18.23 -16.65 -11.38
N THR A 55 19.39 -17.22 -11.59
CA THR A 55 19.89 -17.44 -12.93
C THR A 55 19.44 -18.76 -13.48
N MET A 56 19.30 -19.73 -12.59
CA MET A 56 18.71 -20.99 -12.98
C MET A 56 17.60 -21.35 -12.03
N LYS A 57 16.56 -21.99 -12.58
CA LYS A 57 15.45 -22.44 -11.78
C LYS A 57 15.09 -23.80 -12.32
N LYS A 58 15.20 -24.83 -11.47
CA LYS A 58 14.95 -26.20 -11.92
C LYS A 58 15.84 -26.60 -13.10
N GLY A 59 17.10 -26.17 -13.05
CA GLY A 59 18.10 -26.57 -14.00
C GLY A 59 18.07 -25.86 -15.34
N LYS A 60 17.26 -24.81 -15.45
CA LYS A 60 17.14 -24.06 -16.70
C LYS A 60 17.51 -22.60 -16.52
N LEU A 61 18.29 -22.06 -17.45
CA LEU A 61 18.62 -20.63 -17.39
C LEU A 61 17.39 -19.75 -17.56
N ASN A 62 17.26 -18.72 -16.69
CA ASN A 62 16.34 -17.61 -16.90
C ASN A 62 17.13 -16.38 -17.35
N TYR A 63 17.13 -16.10 -18.64
CA TYR A 63 18.04 -15.06 -19.17
C TYR A 63 17.76 -13.63 -18.64
N ASP A 64 16.51 -13.19 -18.79
CA ASP A 64 16.08 -11.89 -18.30
C ASP A 64 16.33 -11.64 -16.80
N ALA A 65 16.01 -12.62 -15.95
CA ALA A 65 16.23 -12.50 -14.52
C ALA A 65 17.71 -12.48 -14.24
N SER A 66 18.45 -13.24 -15.03
CA SER A 66 19.87 -13.33 -14.80
C SER A 66 20.53 -11.98 -15.07
N VAL A 67 20.18 -11.38 -16.19
CA VAL A 67 20.69 -10.08 -16.56
C VAL A 67 20.28 -9.03 -15.52
N LYS A 68 19.03 -9.08 -15.04
CA LYS A 68 18.56 -8.17 -14.01
C LYS A 68 19.41 -8.26 -12.74
N GLN A 69 19.67 -9.49 -12.32
CA GLN A 69 20.55 -9.74 -11.17
C GLN A 69 21.98 -9.28 -11.41
N ILE A 70 22.54 -9.64 -12.57
CA ILE A 70 23.89 -9.21 -12.93
C ILE A 70 23.99 -7.69 -12.80
N ASP A 71 23.10 -6.98 -13.47
CA ASP A 71 23.08 -5.50 -13.37
C ASP A 71 22.83 -4.95 -11.97
N THR A 72 22.10 -5.70 -11.15
CA THR A 72 21.78 -5.20 -9.81
C THR A 72 22.93 -5.41 -8.83
N ILE A 73 23.70 -6.48 -9.03
CA ILE A 73 24.71 -6.87 -8.07
C ILE A 73 26.13 -6.39 -8.43
N MET A 74 26.50 -6.49 -9.70
CA MET A 74 27.87 -6.26 -10.13
C MET A 74 28.12 -4.80 -10.55
N PRO A 75 29.35 -4.31 -10.30
CA PRO A 75 29.67 -3.02 -10.90
C PRO A 75 29.81 -3.19 -12.42
N ASP A 76 29.50 -2.14 -13.16
CA ASP A 76 29.54 -2.17 -14.63
C ASP A 76 30.74 -2.92 -15.18
N GLU A 77 31.90 -2.70 -14.57
CA GLU A 77 33.15 -3.24 -15.10
C GLU A 77 33.13 -4.75 -15.19
N LEU A 78 32.37 -5.39 -14.30
CA LEU A 78 32.26 -6.85 -14.31
C LEU A 78 30.98 -7.32 -14.99
N ALA A 79 29.92 -6.53 -14.83
CA ALA A 79 28.61 -6.88 -15.37
C ALA A 79 28.65 -6.99 -16.88
N GLY A 80 29.35 -6.05 -17.51
CA GLY A 80 29.32 -5.95 -18.96
C GLY A 80 29.91 -7.20 -19.57
N PRO A 81 31.13 -7.55 -19.14
CA PRO A 81 31.76 -8.80 -19.57
C PRO A 81 30.92 -10.03 -19.19
N MET A 82 30.29 -10.02 -18.03
CA MET A 82 29.42 -11.16 -17.67
C MET A 82 28.20 -11.24 -18.60
N ARG A 83 27.58 -10.11 -18.93
CA ARG A 83 26.44 -10.22 -19.85
C ARG A 83 26.88 -10.72 -21.24
N ALA A 84 28.02 -10.23 -21.70
CA ALA A 84 28.48 -10.63 -23.04
C ALA A 84 28.75 -12.13 -23.08
N ALA A 85 29.32 -12.67 -22.00
CA ALA A 85 29.52 -14.11 -21.90
C ALA A 85 28.21 -14.90 -21.80
N LEU A 86 27.24 -14.34 -21.08
CA LEU A 86 25.93 -15.02 -20.97
C LEU A 86 25.26 -15.09 -22.36
N ASP A 87 25.43 -14.06 -23.17
CA ASP A 87 24.91 -14.12 -24.54
C ASP A 87 25.52 -15.26 -25.35
N ILE A 88 26.84 -15.39 -25.31
CA ILE A 88 27.52 -16.43 -26.09
C ILE A 88 27.07 -17.80 -25.61
N CYS A 89 26.84 -17.89 -24.29
CA CYS A 89 26.58 -19.15 -23.58
C CYS A 89 25.11 -19.45 -23.34
N ARG A 90 24.22 -18.62 -23.88
CA ARG A 90 22.80 -18.65 -23.47
C ARG A 90 22.14 -20.02 -23.63
N THR A 91 22.48 -20.74 -24.71
CA THR A 91 21.88 -22.06 -24.96
C THR A 91 22.71 -23.29 -24.59
N VAL A 92 23.87 -23.10 -23.95
CA VAL A 92 24.85 -24.19 -23.82
C VAL A 92 24.38 -25.34 -22.91
N ALA A 93 23.48 -25.03 -21.99
CA ALA A 93 23.05 -26.02 -21.02
C ALA A 93 21.65 -26.53 -21.33
N ASP A 94 21.07 -26.07 -22.45
CA ASP A 94 19.69 -26.47 -22.75
C ASP A 94 19.55 -27.98 -22.95
N GLY A 95 18.47 -28.53 -22.42
CA GLY A 95 18.22 -29.95 -22.54
C GLY A 95 18.99 -30.87 -21.58
N ILE A 96 19.89 -30.32 -20.77
CA ILE A 96 20.60 -31.14 -19.77
C ILE A 96 19.68 -31.36 -18.59
N LYS A 97 19.35 -32.61 -18.29
CA LYS A 97 18.27 -32.88 -17.35
C LYS A 97 18.69 -32.61 -15.90
N ASN A 98 19.85 -33.14 -15.51
CA ASN A 98 20.35 -32.95 -14.18
C ASN A 98 20.67 -31.49 -13.88
N ASN A 99 20.04 -30.92 -12.85
CA ASN A 99 20.22 -29.49 -12.56
C ASN A 99 21.66 -29.11 -12.25
N CYS A 100 22.35 -29.91 -11.45
CA CYS A 100 23.71 -29.56 -11.07
C CYS A 100 24.60 -29.62 -12.29
N ASP A 101 24.29 -30.58 -13.18
CA ASP A 101 25.13 -30.75 -14.35
C ASP A 101 24.89 -29.57 -15.29
N ALA A 102 23.64 -29.14 -15.37
CA ALA A 102 23.27 -28.05 -16.26
C ALA A 102 23.98 -26.78 -15.82
N ALA A 103 23.96 -26.51 -14.51
CA ALA A 103 24.60 -25.33 -14.00
C ALA A 103 26.11 -25.33 -14.25
N TYR A 104 26.75 -26.47 -14.04
CA TYR A 104 28.18 -26.57 -14.26
C TYR A 104 28.60 -26.35 -15.70
N VAL A 105 27.85 -26.93 -16.63
CA VAL A 105 28.15 -26.70 -18.04
C VAL A 105 28.07 -25.21 -18.38
N LEU A 106 27.00 -24.57 -17.92
CA LEU A 106 26.88 -23.10 -18.08
C LEU A 106 28.07 -22.35 -17.43
N LEU A 107 28.49 -22.75 -16.24
CA LEU A 107 29.60 -22.07 -15.57
C LEU A 107 30.85 -22.21 -16.38
N GLN A 108 31.08 -23.39 -16.92
CA GLN A 108 32.33 -23.59 -17.65
C GLN A 108 32.40 -22.69 -18.88
N CYS A 109 31.26 -22.52 -19.52
CA CYS A 109 31.16 -21.68 -20.71
C CYS A 109 31.37 -20.22 -20.32
N LEU A 110 30.79 -19.80 -19.20
CA LEU A 110 30.95 -18.39 -18.81
C LEU A 110 32.41 -18.05 -18.53
N SER A 111 33.07 -18.94 -17.77
CA SER A 111 34.46 -18.77 -17.46
C SER A 111 35.30 -18.72 -18.71
N LYS A 112 35.02 -19.62 -19.65
CA LYS A 112 35.78 -19.67 -20.90
C LYS A 112 35.60 -18.39 -21.75
N ASN A 113 34.49 -17.68 -21.54
CA ASN A 113 34.12 -16.56 -22.41
C ASN A 113 34.10 -15.21 -21.71
N ASN A 114 34.55 -15.18 -20.47
CA ASN A 114 34.59 -13.94 -19.70
C ASN A 114 35.99 -13.66 -19.15
N PRO A 115 36.72 -12.74 -19.77
CA PRO A 115 38.08 -12.41 -19.32
C PRO A 115 38.12 -11.85 -17.89
N LYS A 116 37.00 -11.35 -17.38
CA LYS A 116 36.92 -10.83 -16.02
C LYS A 116 35.95 -11.65 -15.17
N PHE A 117 36.06 -12.98 -15.28
CA PHE A 117 35.18 -13.91 -14.56
C PHE A 117 35.41 -13.95 -13.04
N ILE A 118 34.33 -14.10 -12.32
CA ILE A 118 34.34 -14.03 -10.88
C ILE A 118 33.08 -14.76 -10.49
N PHE A 119 33.08 -15.39 -9.30
CA PHE A 119 32.01 -16.28 -8.82
C PHE A 119 32.14 -16.38 -7.30
N PRO A 120 31.03 -16.59 -6.58
CA PRO A 120 31.20 -16.60 -5.12
C PRO A 120 31.95 -17.84 -4.62
N THR B 2 14.75 -24.05 2.71
CA THR B 2 15.52 -24.56 1.58
C THR B 2 15.75 -23.44 0.54
N VAL B 3 16.67 -23.68 -0.39
CA VAL B 3 16.94 -22.65 -1.39
C VAL B 3 15.77 -22.42 -2.33
N GLU B 4 15.33 -23.43 -3.07
CA GLU B 4 14.34 -23.17 -4.11
C GLU B 4 12.96 -22.69 -3.59
N GLN B 5 12.65 -22.97 -2.31
CA GLN B 5 11.39 -22.51 -1.74
C GLN B 5 11.51 -21.11 -1.18
N MET B 6 12.63 -20.81 -0.52
CA MET B 6 12.92 -19.43 -0.17
C MET B 6 12.88 -18.58 -1.45
N MET B 7 13.48 -19.06 -2.53
CA MET B 7 13.47 -18.26 -3.77
C MET B 7 12.09 -18.09 -4.36
N LYS B 8 11.31 -19.17 -4.48
CA LYS B 8 9.98 -19.08 -5.07
C LYS B 8 9.08 -18.21 -4.22
N SER B 9 9.14 -18.44 -2.91
CA SER B 9 8.32 -17.68 -1.99
C SER B 9 8.71 -16.20 -1.97
N GLY B 10 10.01 -15.94 -1.81
CA GLY B 10 10.52 -14.59 -1.81
C GLY B 10 10.14 -13.85 -3.09
N GLU B 11 10.25 -14.53 -4.24
CA GLU B 11 9.99 -13.85 -5.53
C GLU B 11 8.52 -13.49 -5.67
N MET B 12 7.65 -14.40 -5.24
CA MET B 12 6.21 -14.18 -5.34
C MET B 12 5.78 -13.06 -4.39
N ILE B 13 6.29 -13.13 -3.16
CA ILE B 13 5.91 -12.15 -2.19
C ILE B 13 6.45 -10.77 -2.58
N ARG B 14 7.69 -10.71 -3.03
CA ARG B 14 8.20 -9.43 -3.57
C ARG B 14 7.25 -8.89 -4.63
N SER B 15 6.89 -9.74 -5.59
CA SER B 15 6.06 -9.28 -6.71
C SER B 15 4.71 -8.75 -6.23
N VAL B 16 4.07 -9.48 -5.32
CA VAL B 16 2.75 -9.05 -4.80
C VAL B 16 2.86 -7.73 -4.07
N CYS B 17 3.89 -7.60 -3.25
CA CYS B 17 3.97 -6.40 -2.41
C CYS B 17 4.44 -5.17 -3.19
N LEU B 18 5.26 -5.37 -4.22
CA LEU B 18 5.61 -4.29 -5.13
C LEU B 18 4.35 -3.76 -5.78
N GLY B 19 3.50 -4.68 -6.22
CA GLY B 19 2.29 -4.29 -6.93
C GLY B 19 1.33 -3.58 -6.01
N LYS B 20 1.19 -4.08 -4.79
CA LYS B 20 0.17 -3.54 -3.90
C LYS B 20 0.48 -2.14 -3.38
N THR B 21 1.76 -1.91 -3.09
CA THR B 21 2.20 -0.71 -2.38
C THR B 21 2.63 0.37 -3.38
N LYS B 22 2.86 -0.04 -4.62
CA LYS B 22 3.39 0.86 -5.67
C LYS B 22 4.68 1.59 -5.24
N VAL B 23 5.52 0.88 -4.53
CA VAL B 23 6.81 1.40 -4.12
C VAL B 23 7.81 1.32 -5.29
N ALA B 24 8.77 2.25 -5.34
CA ALA B 24 9.84 2.24 -6.34
C ALA B 24 10.79 1.08 -6.03
N GLU B 25 11.05 0.19 -6.99
CA GLU B 25 11.86 -0.97 -6.71
C GLU B 25 13.30 -0.61 -6.28
N GLU B 26 13.79 0.49 -6.85
CA GLU B 26 15.07 1.06 -6.42
C GLU B 26 15.19 1.32 -4.89
N LEU B 27 14.11 1.78 -4.26
CA LEU B 27 14.09 2.00 -2.83
C LEU B 27 14.05 0.65 -2.10
N VAL B 28 13.32 -0.31 -2.67
CA VAL B 28 13.25 -1.65 -2.06
C VAL B 28 14.63 -2.27 -2.05
N ASN B 29 15.38 -2.06 -3.13
CA ASN B 29 16.75 -2.56 -3.21
C ASN B 29 17.69 -1.89 -2.21
N GLY B 30 17.41 -0.65 -1.88
CA GLY B 30 18.17 0.06 -0.86
C GLY B 30 18.07 -0.60 0.51
N LEU B 31 17.05 -1.41 0.74
CA LEU B 31 16.88 -2.06 2.05
C LEU B 31 18.07 -2.98 2.38
N ARG B 32 18.63 -3.63 1.37
CA ARG B 32 19.78 -4.51 1.57
C ARG B 32 21.06 -3.73 1.90
N GLU B 33 21.08 -2.45 1.55
CA GLU B 33 22.25 -1.60 1.79
C GLU B 33 22.05 -0.73 3.02
N SER B 34 21.04 -1.06 3.81
CA SER B 34 20.76 -0.33 5.05
C SER B 34 20.34 1.10 4.79
N LYS B 35 19.64 1.30 3.68
CA LYS B 35 19.11 2.62 3.37
C LYS B 35 17.62 2.70 3.67
N PHE B 36 17.31 3.06 4.91
CA PHE B 36 15.95 2.98 5.39
C PHE B 36 15.28 4.34 5.30
N ALA B 37 15.08 4.76 4.06
CA ALA B 37 14.39 6.02 3.76
C ALA B 37 12.98 6.04 4.34
N ASP B 38 12.57 7.19 4.84
CA ASP B 38 11.22 7.35 5.37
C ASP B 38 10.25 7.63 4.25
N VAL B 39 9.86 6.55 3.59
CA VAL B 39 8.96 6.63 2.44
C VAL B 39 7.79 5.71 2.73
N LYS B 40 6.60 6.27 2.66
CA LYS B 40 5.40 5.54 3.02
C LYS B 40 5.28 4.24 2.26
N GLU B 41 5.49 4.29 0.94
CA GLU B 41 5.35 3.10 0.11
C GLU B 41 6.34 2.01 0.53
N LEU B 42 7.54 2.43 0.97
CA LEU B 42 8.60 1.47 1.32
C LEU B 42 8.27 0.84 2.66
N LYS B 43 7.84 1.66 3.63
CA LYS B 43 7.40 1.15 4.93
C LYS B 43 6.25 0.16 4.73
N CYS B 44 5.32 0.48 3.86
CA CYS B 44 4.21 -0.41 3.66
C CYS B 44 4.60 -1.66 2.86
N TYR B 45 5.58 -1.52 1.96
CA TYR B 45 6.16 -2.69 1.30
C TYR B 45 6.67 -3.66 2.36
N VAL B 46 7.48 -3.16 3.30
CA VAL B 46 7.99 -4.02 4.40
C VAL B 46 6.88 -4.71 5.20
N ASN B 47 5.85 -3.96 5.55
CA ASN B 47 4.70 -4.52 6.27
C ASN B 47 3.98 -5.60 5.47
N CYS B 48 3.80 -5.35 4.18
CA CYS B 48 3.19 -6.32 3.28
C CYS B 48 3.99 -7.61 3.29
N VAL B 49 5.30 -7.49 3.19
CA VAL B 49 6.11 -8.72 3.13
C VAL B 49 6.01 -9.49 4.45
N MET B 50 6.10 -8.78 5.56
CA MET B 50 5.92 -9.36 6.88
C MET B 50 4.55 -10.00 7.10
N GLU B 51 3.49 -9.40 6.56
CA GLU B 51 2.15 -10.00 6.69
C GLU B 51 2.05 -11.26 5.83
N MET B 52 2.62 -11.23 4.63
CA MET B 52 2.56 -12.40 3.74
C MET B 52 3.37 -13.56 4.27
N MET B 53 4.34 -13.26 5.11
CA MET B 53 5.16 -14.32 5.72
C MET B 53 4.62 -14.70 7.09
N GLN B 54 3.47 -14.14 7.44
CA GLN B 54 2.83 -14.36 8.77
C GLN B 54 3.63 -13.96 10.00
N THR B 55 4.61 -13.07 9.84
CA THR B 55 5.40 -12.63 10.98
C THR B 55 4.77 -11.46 11.69
N MET B 56 3.85 -10.80 11.02
CA MET B 56 3.15 -9.71 11.66
C MET B 56 1.71 -9.78 11.29
N LYS B 57 0.88 -9.41 12.25
CA LYS B 57 -0.55 -9.35 12.07
C LYS B 57 -1.07 -8.12 12.77
N LYS B 58 -1.70 -7.22 12.00
CA LYS B 58 -2.31 -6.02 12.57
C LYS B 58 -1.26 -5.14 13.23
N GLY B 59 -0.08 -5.13 12.63
CA GLY B 59 0.99 -4.29 13.12
C GLY B 59 1.60 -4.77 14.41
N LYS B 60 1.42 -6.05 14.76
CA LYS B 60 2.13 -6.61 15.90
C LYS B 60 2.92 -7.83 15.51
N LEU B 61 4.18 -7.91 15.96
CA LEU B 61 4.95 -9.13 15.79
C LEU B 61 4.25 -10.35 16.36
N ASN B 62 4.20 -11.43 15.59
CA ASN B 62 3.81 -12.73 16.16
C ASN B 62 5.09 -13.54 16.34
N TYR B 63 5.58 -13.61 17.58
CA TYR B 63 6.87 -14.24 17.85
C TYR B 63 6.93 -15.71 17.45
N ASP B 64 6.00 -16.52 17.96
CA ASP B 64 6.04 -17.95 17.65
C ASP B 64 5.94 -18.26 16.15
N ALA B 65 5.06 -17.55 15.44
CA ALA B 65 4.90 -17.76 14.02
C ALA B 65 6.16 -17.39 13.25
N SER B 66 6.86 -16.34 13.71
CA SER B 66 8.08 -15.87 13.07
C SER B 66 9.24 -16.82 13.32
N VAL B 67 9.32 -17.36 14.53
CA VAL B 67 10.36 -18.34 14.82
C VAL B 67 10.13 -19.50 13.86
N LYS B 68 8.91 -20.02 13.82
CA LYS B 68 8.55 -21.08 12.90
C LYS B 68 8.92 -20.73 11.46
N GLN B 69 8.56 -19.53 11.03
CA GLN B 69 8.80 -19.10 9.66
C GLN B 69 10.28 -19.02 9.30
N ILE B 70 11.06 -18.39 10.17
CA ILE B 70 12.50 -18.36 9.99
C ILE B 70 13.06 -19.78 9.85
N ASP B 71 12.66 -20.65 10.75
CA ASP B 71 13.18 -22.01 10.80
C ASP B 71 12.79 -22.87 9.61
N THR B 72 11.66 -22.56 8.99
CA THR B 72 11.13 -23.40 7.92
C THR B 72 11.60 -22.96 6.53
N ILE B 73 11.50 -21.67 6.26
CA ILE B 73 11.83 -21.10 4.96
C ILE B 73 13.32 -20.83 4.78
N MET B 74 14.02 -20.43 5.84
CA MET B 74 15.41 -20.00 5.67
C MET B 74 16.41 -21.16 5.76
N PRO B 75 17.45 -21.12 4.92
CA PRO B 75 18.57 -22.05 5.07
C PRO B 75 19.19 -21.90 6.45
N ASP B 76 19.47 -23.03 7.13
CA ASP B 76 19.95 -22.98 8.51
C ASP B 76 21.00 -21.90 8.72
N GLU B 77 21.93 -21.77 7.77
CA GLU B 77 23.01 -20.81 7.87
C GLU B 77 22.51 -19.36 7.99
N LEU B 78 21.26 -19.14 7.57
CA LEU B 78 20.64 -17.81 7.64
C LEU B 78 19.61 -17.76 8.76
N ALA B 79 19.06 -18.91 9.09
CA ALA B 79 18.03 -19.02 10.11
C ALA B 79 18.54 -18.60 11.49
N GLY B 80 19.64 -19.20 11.92
CA GLY B 80 20.18 -18.94 13.25
C GLY B 80 20.30 -17.46 13.60
N PRO B 81 21.08 -16.73 12.79
CA PRO B 81 21.31 -15.29 12.98
C PRO B 81 20.02 -14.47 12.95
N MET B 82 19.05 -14.85 12.13
CA MET B 82 17.75 -14.18 12.15
C MET B 82 17.01 -14.42 13.46
N ARG B 83 17.06 -15.65 13.97
CA ARG B 83 16.41 -15.96 15.25
C ARG B 83 16.98 -15.13 16.39
N ALA B 84 18.30 -14.99 16.42
CA ALA B 84 18.96 -14.28 17.51
C ALA B 84 18.60 -12.80 17.47
N ALA B 85 18.63 -12.23 16.27
CA ALA B 85 18.21 -10.85 16.10
C ALA B 85 16.75 -10.64 16.50
N LEU B 86 15.91 -11.64 16.26
CA LEU B 86 14.50 -11.51 16.60
C LEU B 86 14.36 -11.40 18.11
N ASP B 87 15.15 -12.16 18.87
CA ASP B 87 15.06 -12.05 20.32
C ASP B 87 15.42 -10.67 20.82
N ILE B 88 16.50 -10.12 20.27
CA ILE B 88 16.97 -8.81 20.65
C ILE B 88 15.94 -7.73 20.31
N CYS B 89 15.30 -7.89 19.15
CA CYS B 89 14.33 -6.90 18.68
C CYS B 89 12.87 -7.20 19.04
N ARG B 90 12.63 -8.25 19.81
CA ARG B 90 11.27 -8.70 20.03
C ARG B 90 10.28 -7.61 20.38
N THR B 91 10.65 -6.73 21.30
CA THR B 91 9.72 -5.72 21.77
C THR B 91 9.87 -4.35 21.13
N VAL B 92 10.78 -4.19 20.17
CA VAL B 92 11.14 -2.84 19.69
C VAL B 92 9.98 -2.08 19.04
N ALA B 93 9.02 -2.81 18.49
CA ALA B 93 7.90 -2.19 17.79
C ALA B 93 6.66 -2.09 18.66
N ASP B 94 6.76 -2.54 19.91
CA ASP B 94 5.61 -2.48 20.83
C ASP B 94 5.08 -1.08 21.00
N GLY B 95 3.76 -0.93 20.93
CA GLY B 95 3.12 0.36 21.15
C GLY B 95 2.96 1.27 19.94
N ILE B 96 3.73 1.03 18.88
CA ILE B 96 3.61 1.81 17.62
C ILE B 96 2.29 1.49 16.93
N LYS B 97 1.44 2.50 16.77
CA LYS B 97 0.08 2.27 16.29
C LYS B 97 0.01 2.01 14.78
N ASN B 98 0.78 2.76 14.01
CA ASN B 98 0.76 2.61 12.56
C ASN B 98 1.43 1.29 12.14
N ASN B 99 0.69 0.43 11.44
CA ASN B 99 1.21 -0.89 11.07
C ASN B 99 2.49 -0.84 10.24
N CYS B 100 2.51 -0.01 9.20
CA CYS B 100 3.69 0.06 8.38
C CYS B 100 4.87 0.61 9.18
N ASP B 101 4.61 1.59 10.05
CA ASP B 101 5.70 2.16 10.82
C ASP B 101 6.24 1.07 11.74
N ALA B 102 5.36 0.20 12.26
CA ALA B 102 5.82 -0.78 13.26
C ALA B 102 6.68 -1.82 12.56
N ALA B 103 6.23 -2.25 11.38
CA ALA B 103 6.99 -3.19 10.58
C ALA B 103 8.38 -2.66 10.28
N TYR B 104 8.48 -1.37 9.92
CA TYR B 104 9.76 -0.81 9.53
C TYR B 104 10.73 -0.71 10.68
N VAL B 105 10.22 -0.34 11.85
CA VAL B 105 11.05 -0.25 13.06
C VAL B 105 11.63 -1.62 13.37
N LEU B 106 10.81 -2.67 13.29
CA LEU B 106 11.28 -4.05 13.52
C LEU B 106 12.34 -4.44 12.50
N LEU B 107 12.08 -4.12 11.23
CA LEU B 107 13.03 -4.43 10.18
C LEU B 107 14.36 -3.78 10.44
N GLN B 108 14.35 -2.50 10.83
CA GLN B 108 15.62 -1.81 11.05
C GLN B 108 16.41 -2.44 12.18
N CYS B 109 15.69 -2.88 13.19
CA CYS B 109 16.35 -3.48 14.34
C CYS B 109 16.95 -4.82 13.94
N LEU B 110 16.23 -5.56 13.11
CA LEU B 110 16.70 -6.88 12.69
C LEU B 110 17.96 -6.72 11.83
N SER B 111 17.92 -5.78 10.90
CA SER B 111 19.06 -5.51 10.05
C SER B 111 20.25 -5.10 10.90
N LYS B 112 19.99 -4.30 11.94
CA LYS B 112 21.08 -3.77 12.77
C LYS B 112 21.71 -4.91 13.58
N ASN B 113 20.88 -5.85 14.03
CA ASN B 113 21.38 -6.92 14.87
C ASN B 113 21.59 -8.26 14.15
N ASN B 114 21.73 -8.20 12.83
CA ASN B 114 21.91 -9.43 12.07
C ASN B 114 22.89 -9.25 10.90
N PRO B 115 24.16 -9.61 11.14
CA PRO B 115 25.21 -9.57 10.10
C PRO B 115 24.79 -10.26 8.78
N LYS B 116 23.91 -11.26 8.86
CA LYS B 116 23.53 -12.06 7.69
C LYS B 116 22.12 -11.75 7.18
N PHE B 117 21.73 -10.49 7.28
CA PHE B 117 20.35 -10.07 6.99
C PHE B 117 19.95 -10.23 5.53
N ILE B 118 18.73 -10.69 5.30
CA ILE B 118 18.18 -10.80 3.94
C ILE B 118 16.65 -10.66 3.97
N PHE B 119 16.06 -10.12 2.90
CA PHE B 119 14.65 -9.75 2.93
C PHE B 119 14.17 -9.69 1.48
N PRO B 120 12.92 -10.12 1.22
CA PRO B 120 12.42 -10.18 -0.15
C PRO B 120 12.52 -8.86 -0.91
N THR C 2 -31.13 2.99 4.04
CA THR C 2 -30.89 4.11 4.95
C THR C 2 -29.79 5.04 4.50
N VAL C 3 -29.79 6.25 5.05
CA VAL C 3 -28.74 7.18 4.73
C VAL C 3 -27.42 6.59 5.18
N GLU C 4 -27.40 5.94 6.35
CA GLU C 4 -26.10 5.55 6.87
C GLU C 4 -25.53 4.36 6.11
N GLN C 5 -26.39 3.53 5.57
CA GLN C 5 -25.91 2.45 4.72
C GLN C 5 -25.21 3.06 3.50
N MET C 6 -25.76 4.12 2.92
CA MET C 6 -25.05 4.74 1.81
C MET C 6 -23.73 5.32 2.29
N MET C 7 -23.79 6.03 3.40
CA MET C 7 -22.63 6.78 3.88
C MET C 7 -21.48 5.83 4.22
N LYS C 8 -21.81 4.71 4.86
CA LYS C 8 -20.79 3.73 5.25
C LYS C 8 -20.29 2.85 4.07
N SER C 9 -21.15 2.57 3.10
CA SER C 9 -20.75 1.86 1.89
C SER C 9 -19.79 2.73 1.08
N GLY C 10 -20.11 4.01 0.98
CA GLY C 10 -19.27 4.94 0.24
C GLY C 10 -17.91 5.09 0.91
N GLU C 11 -17.93 5.26 2.23
CA GLU C 11 -16.70 5.41 2.99
C GLU C 11 -15.81 4.19 2.79
N MET C 12 -16.42 3.01 2.79
CA MET C 12 -15.66 1.75 2.72
C MET C 12 -14.98 1.63 1.37
N ILE C 13 -15.74 1.86 0.31
CA ILE C 13 -15.22 1.68 -1.04
C ILE C 13 -14.23 2.79 -1.43
N ARG C 14 -14.45 4.00 -0.91
CA ARG C 14 -13.43 5.05 -1.09
C ARG C 14 -12.08 4.61 -0.51
N SER C 15 -12.12 4.10 0.72
CA SER C 15 -10.90 3.72 1.37
C SER C 15 -10.16 2.68 0.56
N VAL C 16 -10.90 1.71 0.02
CA VAL C 16 -10.30 0.63 -0.76
C VAL C 16 -9.63 1.18 -2.01
N CYS C 17 -10.36 2.02 -2.74
CA CYS C 17 -9.85 2.54 -4.02
C CYS C 17 -8.79 3.64 -3.90
N LEU C 18 -8.81 4.43 -2.82
CA LEU C 18 -7.70 5.35 -2.53
C LEU C 18 -6.43 4.53 -2.30
N GLY C 19 -6.58 3.43 -1.59
CA GLY C 19 -5.48 2.52 -1.34
C GLY C 19 -4.93 1.93 -2.63
N LYS C 20 -5.81 1.57 -3.55
CA LYS C 20 -5.40 0.82 -4.74
C LYS C 20 -4.75 1.70 -5.79
N THR C 21 -5.22 2.94 -5.89
CA THR C 21 -4.78 3.87 -6.93
C THR C 21 -3.72 4.86 -6.41
N LYS C 22 -3.75 5.08 -5.09
CA LYS C 22 -2.87 6.07 -4.43
C LYS C 22 -3.23 7.51 -4.78
N VAL C 23 -4.37 7.74 -5.43
CA VAL C 23 -4.76 9.07 -5.87
C VAL C 23 -4.95 10.04 -4.69
N ALA C 24 -4.78 11.34 -4.97
CA ALA C 24 -5.00 12.38 -3.96
C ALA C 24 -6.46 12.44 -3.53
N GLU C 25 -6.73 12.30 -2.24
CA GLU C 25 -8.12 12.37 -1.77
C GLU C 25 -8.77 13.68 -2.22
N GLU C 26 -8.03 14.77 -2.23
CA GLU C 26 -8.64 16.03 -2.65
C GLU C 26 -9.22 15.98 -4.07
N LEU C 27 -8.55 15.26 -4.97
CA LEU C 27 -9.05 15.07 -6.35
C LEU C 27 -10.36 14.31 -6.40
N VAL C 28 -10.53 13.38 -5.47
CA VAL C 28 -11.69 12.54 -5.42
C VAL C 28 -12.90 13.33 -4.92
N ASN C 29 -12.64 14.17 -3.93
CA ASN C 29 -13.68 15.08 -3.42
C ASN C 29 -14.25 15.96 -4.51
N GLY C 30 -13.41 16.32 -5.47
CA GLY C 30 -13.85 17.13 -6.60
C GLY C 30 -14.83 16.42 -7.52
N LEU C 31 -14.82 15.10 -7.55
CA LEU C 31 -15.82 14.41 -8.37
C LEU C 31 -17.27 14.81 -8.01
N ARG C 32 -17.49 15.27 -6.79
CA ARG C 32 -18.84 15.66 -6.37
C ARG C 32 -19.21 17.08 -6.72
N GLU C 33 -18.24 17.82 -7.23
CA GLU C 33 -18.51 19.21 -7.62
C GLU C 33 -18.13 19.49 -9.08
N SER C 34 -18.34 18.50 -9.94
CA SER C 34 -18.09 18.57 -11.39
C SER C 34 -16.67 18.99 -11.74
N LYS C 35 -15.72 18.60 -10.89
CA LYS C 35 -14.32 18.85 -11.20
C LYS C 35 -13.70 17.54 -11.64
N PHE C 36 -13.77 17.28 -12.93
CA PHE C 36 -13.24 16.05 -13.52
C PHE C 36 -11.89 16.32 -14.14
N ALA C 37 -10.88 16.38 -13.27
CA ALA C 37 -9.52 16.63 -13.71
C ALA C 37 -9.01 15.49 -14.58
N ASP C 38 -8.24 15.84 -15.61
CA ASP C 38 -7.59 14.83 -16.45
C ASP C 38 -6.35 14.29 -15.74
N VAL C 39 -6.57 13.36 -14.81
CA VAL C 39 -5.49 12.77 -14.01
C VAL C 39 -5.66 11.27 -14.04
N LYS C 40 -4.64 10.56 -14.51
CA LYS C 40 -4.73 9.11 -14.70
C LYS C 40 -5.31 8.33 -13.52
N GLU C 41 -4.70 8.49 -12.34
CA GLU C 41 -5.12 7.74 -11.16
C GLU C 41 -6.48 8.18 -10.62
N LEU C 42 -6.91 9.39 -10.94
CA LEU C 42 -8.28 9.78 -10.61
C LEU C 42 -9.23 8.94 -11.44
N LYS C 43 -8.92 8.78 -12.71
CA LYS C 43 -9.79 8.03 -13.61
C LYS C 43 -9.80 6.60 -13.16
N CYS C 44 -8.63 6.11 -12.77
CA CYS C 44 -8.52 4.73 -12.30
C CYS C 44 -9.20 4.54 -10.93
N TYR C 45 -9.24 5.57 -10.09
CA TYR C 45 -10.05 5.50 -8.87
C TYR C 45 -11.52 5.30 -9.20
N VAL C 46 -12.02 6.06 -10.16
CA VAL C 46 -13.37 5.90 -10.64
C VAL C 46 -13.66 4.47 -11.11
N ASN C 47 -12.79 3.96 -11.97
CA ASN C 47 -12.93 2.61 -12.46
C ASN C 47 -12.94 1.60 -11.32
N CYS C 48 -12.05 1.81 -10.34
CA CYS C 48 -11.98 0.94 -9.16
C CYS C 48 -13.28 0.89 -8.37
N VAL C 49 -13.89 2.05 -8.18
CA VAL C 49 -15.12 2.12 -7.42
C VAL C 49 -16.20 1.36 -8.20
N MET C 50 -16.29 1.65 -9.50
CA MET C 50 -17.32 1.05 -10.34
C MET C 50 -17.18 -0.46 -10.45
N GLU C 51 -15.93 -0.92 -10.59
CA GLU C 51 -15.62 -2.35 -10.71
C GLU C 51 -15.89 -3.10 -9.40
N MET C 52 -15.42 -2.54 -8.29
CA MET C 52 -15.59 -3.12 -6.96
C MET C 52 -17.04 -3.27 -6.56
N MET C 53 -17.87 -2.30 -6.94
CA MET C 53 -19.31 -2.33 -6.64
C MET C 53 -20.13 -3.09 -7.68
N GLN C 54 -19.50 -3.65 -8.69
CA GLN C 54 -20.21 -4.51 -9.65
C GLN C 54 -21.04 -3.77 -10.72
N THR C 55 -20.85 -2.46 -10.85
CA THR C 55 -21.57 -1.71 -11.86
C THR C 55 -20.87 -1.85 -13.21
N MET C 56 -19.59 -2.23 -13.17
CA MET C 56 -18.77 -2.38 -14.38
C MET C 56 -17.87 -3.62 -14.40
N LYS C 57 -17.67 -4.16 -15.59
CA LYS C 57 -16.72 -5.25 -15.80
C LYS C 57 -15.91 -4.97 -17.06
N LYS C 58 -14.60 -4.73 -16.87
CA LYS C 58 -13.70 -4.58 -18.01
C LYS C 58 -14.15 -3.48 -18.98
N GLY C 59 -14.52 -2.32 -18.44
CA GLY C 59 -14.96 -1.21 -19.27
C GLY C 59 -16.38 -1.37 -19.79
N LYS C 60 -17.07 -2.40 -19.31
CA LYS C 60 -18.43 -2.74 -19.75
C LYS C 60 -19.44 -2.52 -18.64
N LEU C 61 -20.41 -1.65 -18.88
CA LEU C 61 -21.43 -1.39 -17.88
C LEU C 61 -22.31 -2.61 -17.70
N ASN C 62 -22.51 -3.02 -16.46
CA ASN C 62 -23.50 -4.05 -16.17
C ASN C 62 -24.75 -3.31 -15.70
N TYR C 63 -25.73 -3.18 -16.61
CA TYR C 63 -26.90 -2.37 -16.37
C TYR C 63 -27.77 -2.90 -15.23
N ASP C 64 -28.09 -4.19 -15.30
CA ASP C 64 -28.93 -4.80 -14.28
C ASP C 64 -28.25 -4.83 -12.91
N ALA C 65 -26.93 -5.04 -12.87
CA ALA C 65 -26.23 -5.02 -11.58
C ALA C 65 -26.16 -3.60 -11.07
N SER C 66 -26.03 -2.64 -11.98
CA SER C 66 -25.97 -1.24 -11.58
C SER C 66 -27.28 -0.81 -10.93
N VAL C 67 -28.39 -1.17 -11.57
CA VAL C 67 -29.70 -0.79 -11.05
C VAL C 67 -29.96 -1.38 -9.66
N LYS C 68 -29.51 -2.62 -9.46
CA LYS C 68 -29.72 -3.29 -8.19
C LYS C 68 -28.89 -2.61 -7.12
N GLN C 69 -27.65 -2.23 -7.46
CA GLN C 69 -26.76 -1.55 -6.51
C GLN C 69 -27.30 -0.17 -6.13
N ILE C 70 -27.76 0.59 -7.12
CA ILE C 70 -28.45 1.86 -6.80
C ILE C 70 -29.62 1.70 -5.82
N ASP C 71 -30.50 0.72 -6.07
N ASP C 71 -30.46 0.71 -6.07
CA ASP C 71 -31.67 0.46 -5.22
CA ASP C 71 -31.65 0.48 -5.24
C ASP C 71 -31.23 0.07 -3.81
C ASP C 71 -31.28 -0.01 -3.83
N THR C 72 -30.16 -0.70 -3.73
CA THR C 72 -29.74 -1.32 -2.44
C THR C 72 -29.03 -0.29 -1.56
N ILE C 73 -28.13 0.49 -2.18
CA ILE C 73 -27.24 1.40 -1.46
C ILE C 73 -27.81 2.80 -1.25
N MET C 74 -28.58 3.29 -2.23
CA MET C 74 -28.98 4.70 -2.23
C MET C 74 -30.36 4.94 -1.67
N PRO C 75 -30.52 5.98 -0.83
CA PRO C 75 -31.82 6.33 -0.26
C PRO C 75 -32.77 6.83 -1.36
N ASP C 76 -34.08 6.67 -1.16
CA ASP C 76 -35.06 7.00 -2.23
C ASP C 76 -34.76 8.35 -2.91
N GLU C 77 -34.46 9.37 -2.11
CA GLU C 77 -34.22 10.71 -2.61
C GLU C 77 -33.16 10.75 -3.72
N LEU C 78 -32.10 9.99 -3.54
CA LEU C 78 -30.97 10.03 -4.48
C LEU C 78 -30.99 8.92 -5.53
N ALA C 79 -31.75 7.86 -5.25
CA ALA C 79 -31.75 6.70 -6.14
C ALA C 79 -32.43 6.93 -7.49
N GLY C 80 -33.62 7.52 -7.48
CA GLY C 80 -34.34 7.73 -8.73
C GLY C 80 -33.56 8.56 -9.72
N PRO C 81 -32.95 9.66 -9.25
CA PRO C 81 -32.16 10.51 -10.16
C PRO C 81 -30.92 9.81 -10.71
N MET C 82 -30.26 8.96 -9.92
CA MET C 82 -29.15 8.18 -10.46
C MET C 82 -29.61 7.16 -11.50
N ARG C 83 -30.74 6.51 -11.24
CA ARG C 83 -31.28 5.57 -12.22
C ARG C 83 -31.59 6.21 -13.57
N ALA C 84 -32.20 7.39 -13.54
CA ALA C 84 -32.52 8.09 -14.77
C ALA C 84 -31.26 8.44 -15.54
N ALA C 85 -30.21 8.83 -14.83
CA ALA C 85 -28.94 9.18 -15.45
C ALA C 85 -28.31 7.94 -16.05
N LEU C 86 -28.45 6.82 -15.34
CA LEU C 86 -27.94 5.54 -15.87
C LEU C 86 -28.61 5.16 -17.19
N ASP C 87 -29.91 5.44 -17.28
CA ASP C 87 -30.65 5.13 -18.52
C ASP C 87 -30.12 5.98 -19.66
N ILE C 88 -29.90 7.25 -19.38
CA ILE C 88 -29.42 8.18 -20.39
C ILE C 88 -27.99 7.86 -20.85
N CYS C 89 -27.17 7.37 -19.93
CA CYS C 89 -25.74 7.15 -20.18
C CYS C 89 -25.39 5.69 -20.44
N ARG C 90 -26.42 4.87 -20.60
CA ARG C 90 -26.24 3.41 -20.69
C ARG C 90 -25.12 2.91 -21.61
N THR C 91 -24.94 3.54 -22.77
CA THR C 91 -23.93 3.05 -23.71
C THR C 91 -22.72 3.98 -23.94
N VAL C 92 -22.58 5.05 -23.15
CA VAL C 92 -21.48 6.01 -23.41
C VAL C 92 -20.08 5.40 -23.27
N ALA C 93 -19.94 4.37 -22.43
CA ALA C 93 -18.65 3.73 -22.25
C ALA C 93 -18.35 2.63 -23.29
N ASP C 94 -19.40 2.15 -23.98
CA ASP C 94 -19.28 0.97 -24.83
C ASP C 94 -18.09 1.00 -25.79
N GLY C 95 -17.38 -0.12 -25.85
CA GLY C 95 -16.23 -0.25 -26.73
C GLY C 95 -14.93 0.37 -26.25
N ILE C 96 -14.96 1.19 -25.20
CA ILE C 96 -13.72 1.87 -24.77
C ILE C 96 -12.75 0.92 -24.05
N LYS C 97 -11.63 0.65 -24.72
CA LYS C 97 -10.68 -0.37 -24.30
C LYS C 97 -10.00 0.04 -23.00
N ASN C 98 -9.49 1.26 -22.97
CA ASN C 98 -8.90 1.76 -21.72
C ASN C 98 -10.04 1.90 -20.70
N ASN C 99 -10.01 1.03 -19.70
CA ASN C 99 -11.11 0.93 -18.75
C ASN C 99 -11.21 2.13 -17.84
N CYS C 100 -10.08 2.79 -17.60
CA CYS C 100 -10.11 3.94 -16.71
C CYS C 100 -10.78 5.10 -17.44
N ASP C 101 -10.44 5.30 -18.71
CA ASP C 101 -11.10 6.35 -19.47
C ASP C 101 -12.58 6.02 -19.63
N ALA C 102 -12.90 4.74 -19.72
CA ALA C 102 -14.28 4.35 -19.96
C ALA C 102 -15.11 4.68 -18.71
N ALA C 103 -14.60 4.31 -17.54
CA ALA C 103 -15.30 4.61 -16.29
C ALA C 103 -15.47 6.11 -16.14
N TYR C 104 -14.47 6.88 -16.56
CA TYR C 104 -14.52 8.33 -16.37
C TYR C 104 -15.56 8.96 -17.29
N VAL C 105 -15.64 8.49 -18.53
CA VAL C 105 -16.64 9.00 -19.46
C VAL C 105 -18.04 8.70 -18.90
N LEU C 106 -18.22 7.51 -18.36
CA LEU C 106 -19.52 7.14 -17.78
C LEU C 106 -19.83 8.03 -16.56
N LEU C 107 -18.87 8.20 -15.66
CA LEU C 107 -19.12 9.03 -14.48
C LEU C 107 -19.46 10.46 -14.93
N GLN C 108 -18.72 10.99 -15.89
CA GLN C 108 -18.99 12.35 -16.32
C GLN C 108 -20.40 12.51 -16.87
N CYS C 109 -20.83 11.50 -17.63
CA CYS C 109 -22.18 11.49 -18.16
C CYS C 109 -23.20 11.46 -17.02
N LEU C 110 -22.97 10.62 -16.01
CA LEU C 110 -23.94 10.54 -14.91
C LEU C 110 -24.03 11.86 -14.15
N SER C 111 -22.88 12.49 -13.93
CA SER C 111 -22.83 13.77 -13.24
C SER C 111 -23.62 14.83 -14.01
N LYS C 112 -23.41 14.88 -15.33
CA LYS C 112 -24.11 15.87 -16.16
C LYS C 112 -25.61 15.66 -16.10
N ASN C 113 -26.02 14.40 -16.07
CA ASN C 113 -27.43 14.04 -16.15
C ASN C 113 -28.16 13.77 -14.85
N ASN C 114 -27.47 13.99 -13.73
CA ASN C 114 -28.06 13.71 -12.42
C ASN C 114 -27.93 14.92 -11.51
N PRO C 115 -29.02 15.66 -11.31
CA PRO C 115 -28.88 16.90 -10.55
C PRO C 115 -28.69 16.66 -9.05
N LYS C 116 -28.79 15.41 -8.62
CA LYS C 116 -28.51 15.05 -7.22
C LYS C 116 -27.39 14.02 -7.15
N PHE C 117 -26.36 14.28 -7.95
CA PHE C 117 -25.23 13.37 -8.08
C PHE C 117 -24.45 13.23 -6.79
N ILE C 118 -23.98 12.01 -6.53
CA ILE C 118 -23.08 11.74 -5.40
C ILE C 118 -22.26 10.55 -5.81
N PHE C 119 -21.08 10.38 -5.22
CA PHE C 119 -20.17 9.30 -5.61
C PHE C 119 -19.24 9.08 -4.41
N PRO C 120 -18.74 7.86 -4.23
CA PRO C 120 -17.90 7.65 -3.04
C PRO C 120 -16.63 8.52 -3.06
N THR D 2 -33.39 17.18 4.06
CA THR D 2 -33.01 16.24 2.96
C THR D 2 -31.52 15.92 2.98
N VAL D 3 -31.16 14.76 2.41
CA VAL D 3 -29.76 14.42 2.24
C VAL D 3 -29.04 15.45 1.37
N GLU D 4 -29.74 15.97 0.34
CA GLU D 4 -29.01 16.81 -0.58
C GLU D 4 -28.77 18.14 0.14
N GLN D 5 -29.70 18.58 0.98
CA GLN D 5 -29.41 19.81 1.73
C GLN D 5 -28.19 19.56 2.63
N MET D 6 -28.14 18.41 3.29
CA MET D 6 -26.98 18.13 4.10
C MET D 6 -25.69 18.17 3.30
N MET D 7 -25.69 17.52 2.13
CA MET D 7 -24.45 17.38 1.37
C MET D 7 -24.00 18.73 0.83
N LYS D 8 -24.96 19.52 0.34
CA LYS D 8 -24.57 20.78 -0.28
C LYS D 8 -24.22 21.83 0.76
N SER D 9 -24.90 21.80 1.90
CA SER D 9 -24.55 22.67 3.05
C SER D 9 -23.13 22.40 3.54
N GLY D 10 -22.84 21.12 3.69
CA GLY D 10 -21.54 20.70 4.19
C GLY D 10 -20.47 21.17 3.23
N GLU D 11 -20.69 20.92 1.95
CA GLU D 11 -19.76 21.39 0.92
C GLU D 11 -19.45 22.91 0.99
N MET D 12 -20.48 23.72 1.18
CA MET D 12 -20.34 25.16 1.29
C MET D 12 -19.57 25.57 2.55
N ILE D 13 -19.90 24.93 3.68
CA ILE D 13 -19.20 25.23 4.91
C ILE D 13 -17.74 24.85 4.80
N ARG D 14 -17.45 23.67 4.25
CA ARG D 14 -16.05 23.33 4.05
C ARG D 14 -15.33 24.39 3.24
N SER D 15 -15.94 24.79 2.13
N SER D 15 -15.93 24.81 2.12
N SER D 15 -15.95 24.80 2.13
CA SER D 15 -15.28 25.72 1.21
CA SER D 15 -15.23 25.71 1.22
CA SER D 15 -15.27 25.71 1.22
C SER D 15 -14.98 27.03 1.91
C SER D 15 -14.99 27.05 1.90
C SER D 15 -14.98 27.03 1.91
N VAL D 16 -15.96 27.52 2.67
CA VAL D 16 -15.80 28.80 3.34
C VAL D 16 -14.68 28.72 4.35
N CYS D 17 -14.71 27.67 5.16
CA CYS D 17 -13.78 27.61 6.26
C CYS D 17 -12.35 27.31 5.81
N LEU D 18 -12.19 26.53 4.75
CA LEU D 18 -10.86 26.32 4.19
C LEU D 18 -10.34 27.66 3.73
N GLY D 19 -11.23 28.42 3.11
CA GLY D 19 -10.87 29.76 2.67
C GLY D 19 -10.34 30.63 3.78
N LYS D 20 -11.09 30.71 4.88
CA LYS D 20 -10.74 31.58 5.98
C LYS D 20 -9.47 31.14 6.68
N THR D 21 -9.28 29.83 6.86
CA THR D 21 -8.17 29.36 7.70
C THR D 21 -6.88 28.95 6.99
N LYS D 22 -6.95 28.76 5.67
CA LYS D 22 -5.80 28.33 4.86
C LYS D 22 -5.17 26.99 5.28
N VAL D 23 -5.92 26.15 5.99
CA VAL D 23 -5.36 24.87 6.41
C VAL D 23 -5.18 23.99 5.16
N ALA D 24 -4.18 23.12 5.17
CA ALA D 24 -4.06 22.17 4.06
C ALA D 24 -5.26 21.23 3.99
N GLU D 25 -5.80 21.03 2.80
CA GLU D 25 -6.94 20.13 2.64
C GLU D 25 -6.66 18.74 3.18
N GLU D 26 -5.40 18.31 3.03
CA GLU D 26 -5.03 17.02 3.57
C GLU D 26 -5.36 16.88 5.06
N LEU D 27 -5.10 17.92 5.84
CA LEU D 27 -5.36 17.82 7.27
C LEU D 27 -6.85 17.71 7.53
N VAL D 28 -7.64 18.41 6.73
CA VAL D 28 -9.07 18.38 6.95
C VAL D 28 -9.61 17.02 6.58
N ASN D 29 -9.11 16.48 5.48
CA ASN D 29 -9.55 15.16 5.04
C ASN D 29 -9.18 14.09 6.10
N GLY D 30 -8.09 14.32 6.82
CA GLY D 30 -7.63 13.39 7.86
C GLY D 30 -8.53 13.27 9.08
N LEU D 31 -9.32 14.29 9.34
CA LEU D 31 -10.20 14.28 10.51
C LEU D 31 -11.16 13.09 10.43
N ARG D 32 -11.61 12.79 9.20
CA ARG D 32 -12.56 11.72 8.99
C ARG D 32 -12.00 10.40 9.52
N GLU D 33 -10.68 10.30 9.53
CA GLU D 33 -9.98 9.08 9.96
C GLU D 33 -9.45 9.24 11.39
N SER D 34 -9.90 10.30 12.04
CA SER D 34 -9.53 10.66 13.43
C SER D 34 -8.06 10.93 13.57
N LYS D 35 -7.45 11.46 12.53
CA LYS D 35 -6.09 12.00 12.66
C LYS D 35 -6.21 13.40 13.20
N PHE D 36 -6.22 13.51 14.53
CA PHE D 36 -6.42 14.82 15.16
C PHE D 36 -5.08 15.51 15.40
N ALA D 37 -4.45 15.94 14.30
CA ALA D 37 -3.13 16.55 14.31
C ALA D 37 -3.19 17.87 15.04
N ASP D 38 -2.13 18.18 15.81
CA ASP D 38 -2.13 19.42 16.59
C ASP D 38 -1.55 20.50 15.70
N VAL D 39 -2.39 21.09 14.86
CA VAL D 39 -1.95 22.10 13.93
C VAL D 39 -2.91 23.27 14.11
N LYS D 40 -2.39 24.46 14.43
CA LYS D 40 -3.25 25.60 14.73
C LYS D 40 -4.31 25.85 13.64
N GLU D 41 -3.88 25.88 12.39
CA GLU D 41 -4.86 26.21 11.33
C GLU D 41 -5.96 25.16 11.18
N LEU D 42 -5.63 23.90 11.48
CA LEU D 42 -6.67 22.86 11.52
C LEU D 42 -7.63 23.03 12.68
N LYS D 43 -7.13 23.36 13.87
CA LYS D 43 -8.00 23.59 14.99
C LYS D 43 -8.92 24.78 14.68
N CYS D 44 -8.35 25.82 14.09
CA CYS D 44 -9.19 26.96 13.73
C CYS D 44 -10.15 26.67 12.57
N TYR D 45 -9.79 25.76 11.65
CA TYR D 45 -10.81 25.28 10.70
C TYR D 45 -12.01 24.68 11.40
N VAL D 46 -11.75 23.78 12.33
CA VAL D 46 -12.82 23.20 13.14
C VAL D 46 -13.67 24.25 13.85
N ASN D 47 -13.03 25.24 14.47
CA ASN D 47 -13.77 26.29 15.11
C ASN D 47 -14.63 27.05 14.09
N CYS D 48 -14.05 27.37 12.94
CA CYS D 48 -14.77 28.03 11.86
C CYS D 48 -16.06 27.29 11.49
N VAL D 49 -15.96 25.98 11.36
CA VAL D 49 -17.10 25.16 10.99
C VAL D 49 -18.18 25.17 12.11
N MET D 50 -17.77 25.02 13.35
N MET D 50 -17.72 24.99 13.35
CA MET D 50 -18.76 25.03 14.43
CA MET D 50 -18.60 25.04 14.54
C MET D 50 -19.37 26.41 14.65
C MET D 50 -19.33 26.37 14.63
N GLU D 51 -18.63 27.45 14.31
CA GLU D 51 -19.23 28.77 14.38
C GLU D 51 -20.28 28.94 13.24
N MET D 52 -20.01 28.39 12.07
CA MET D 52 -21.03 28.41 11.00
C MET D 52 -22.28 27.61 11.34
N MET D 53 -22.08 26.52 12.09
N MET D 53 -22.11 26.52 12.08
CA MET D 53 -23.20 25.65 12.48
CA MET D 53 -23.25 25.71 12.43
C MET D 53 -23.89 26.18 13.73
C MET D 53 -23.77 26.11 13.81
N GLN D 54 -23.48 27.35 14.19
CA GLN D 54 -24.03 27.97 15.41
C GLN D 54 -23.83 27.16 16.68
N THR D 55 -22.88 26.23 16.66
CA THR D 55 -22.70 25.32 17.77
C THR D 55 -21.81 25.97 18.80
N MET D 56 -20.87 26.78 18.32
CA MET D 56 -19.99 27.52 19.20
C MET D 56 -19.94 29.00 18.90
N LYS D 57 -19.92 29.80 19.95
CA LYS D 57 -19.71 31.24 19.84
C LYS D 57 -18.69 31.65 20.89
N LYS D 58 -17.63 32.33 20.46
CA LYS D 58 -16.54 32.69 21.36
C LYS D 58 -16.06 31.53 22.24
N GLY D 59 -15.88 30.36 21.63
CA GLY D 59 -15.29 29.22 22.31
C GLY D 59 -16.22 28.53 23.28
N LYS D 60 -17.47 28.99 23.34
CA LYS D 60 -18.49 28.44 24.24
C LYS D 60 -19.61 27.70 23.49
N LEU D 61 -19.87 26.46 23.89
CA LEU D 61 -20.94 25.67 23.28
C LEU D 61 -22.28 26.34 23.53
N ASN D 62 -23.13 26.35 22.51
CA ASN D 62 -24.48 26.87 22.61
C ASN D 62 -25.44 25.73 22.35
N TYR D 63 -25.92 25.09 23.41
CA TYR D 63 -26.65 23.83 23.23
C TYR D 63 -27.93 24.00 22.41
N ASP D 64 -28.77 24.96 22.77
CA ASP D 64 -30.08 25.11 22.12
C ASP D 64 -29.91 25.44 20.65
N ALA D 65 -28.96 26.33 20.36
CA ALA D 65 -28.67 26.71 18.97
C ALA D 65 -28.15 25.53 18.17
N SER D 66 -27.29 24.73 18.79
N SER D 66 -27.30 24.72 18.78
CA SER D 66 -26.72 23.56 18.15
CA SER D 66 -26.72 23.58 18.09
C SER D 66 -27.80 22.58 17.72
C SER D 66 -27.77 22.52 17.73
N VAL D 67 -28.70 22.24 18.64
CA VAL D 67 -29.73 21.24 18.36
C VAL D 67 -30.59 21.72 17.20
N LYS D 68 -30.88 23.00 17.19
CA LYS D 68 -31.68 23.57 16.09
C LYS D 68 -30.99 23.40 14.72
N GLN D 69 -29.70 23.70 14.67
CA GLN D 69 -28.99 23.68 13.40
C GLN D 69 -28.72 22.22 12.97
N ILE D 70 -28.47 21.35 13.93
CA ILE D 70 -28.40 19.91 13.66
C ILE D 70 -29.70 19.44 13.03
N ASP D 71 -30.83 19.84 13.61
CA ASP D 71 -32.12 19.38 13.12
C ASP D 71 -32.49 19.98 11.76
N THR D 72 -31.96 21.16 11.46
CA THR D 72 -32.15 21.78 10.14
C THR D 72 -31.30 21.15 9.01
N ILE D 73 -29.99 21.03 9.25
CA ILE D 73 -29.03 20.57 8.24
C ILE D 73 -29.09 19.08 7.97
N MET D 74 -29.22 18.29 9.04
CA MET D 74 -29.23 16.84 8.92
C MET D 74 -30.60 16.22 8.87
N PRO D 75 -30.77 15.17 8.05
CA PRO D 75 -31.96 14.31 8.09
C PRO D 75 -32.10 13.66 9.46
N ASP D 76 -33.33 13.34 9.84
CA ASP D 76 -33.59 12.79 11.15
C ASP D 76 -32.74 11.58 11.53
N GLU D 77 -32.50 10.65 10.60
CA GLU D 77 -31.67 9.49 10.92
C GLU D 77 -30.31 9.84 11.52
N LEU D 78 -29.70 10.90 11.00
CA LEU D 78 -28.38 11.30 11.41
C LEU D 78 -28.45 12.34 12.54
N ALA D 79 -29.52 13.10 12.58
CA ALA D 79 -29.67 14.11 13.63
C ALA D 79 -29.81 13.51 15.01
N GLY D 80 -30.47 12.36 15.11
CA GLY D 80 -30.67 11.70 16.40
C GLY D 80 -29.34 11.43 17.12
N PRO D 81 -28.46 10.66 16.48
CA PRO D 81 -27.18 10.32 17.12
C PRO D 81 -26.30 11.55 17.35
N MET D 82 -26.47 12.59 16.53
CA MET D 82 -25.69 13.79 16.73
C MET D 82 -26.17 14.49 17.99
N ARG D 83 -27.48 14.55 18.21
CA ARG D 83 -28.01 15.13 19.45
C ARG D 83 -27.53 14.32 20.65
N ALA D 84 -27.59 13.00 20.55
CA ALA D 84 -27.10 12.17 21.67
C ALA D 84 -25.64 12.50 21.98
N ALA D 85 -24.83 12.65 20.93
CA ALA D 85 -23.41 12.93 21.17
C ALA D 85 -23.21 14.29 21.80
N LEU D 86 -24.02 15.27 21.35
CA LEU D 86 -24.01 16.60 21.98
C LEU D 86 -24.32 16.54 23.48
N ASP D 87 -25.32 15.74 23.86
CA ASP D 87 -25.65 15.59 25.27
C ASP D 87 -24.45 15.04 26.07
N ILE D 88 -23.85 13.99 25.53
CA ILE D 88 -22.70 13.29 26.17
C ILE D 88 -21.53 14.26 26.33
N CYS D 89 -21.34 15.10 25.31
CA CYS D 89 -20.16 15.98 25.26
C CYS D 89 -20.47 17.39 25.68
N ARG D 90 -21.66 17.63 26.21
CA ARG D 90 -22.11 19.00 26.43
C ARG D 90 -21.10 19.89 27.18
N THR D 91 -20.37 19.35 28.15
CA THR D 91 -19.48 20.16 28.98
C THR D 91 -18.01 19.81 28.75
N VAL D 92 -17.76 19.06 27.68
CA VAL D 92 -16.41 18.53 27.47
C VAL D 92 -15.34 19.63 27.31
N ALA D 93 -15.73 20.76 26.74
CA ALA D 93 -14.76 21.81 26.43
C ALA D 93 -14.82 22.95 27.42
N ASP D 94 -15.65 22.80 28.45
CA ASP D 94 -15.75 23.86 29.44
C ASP D 94 -14.37 23.96 30.10
N GLY D 95 -13.87 25.18 30.26
CA GLY D 95 -12.57 25.34 30.90
C GLY D 95 -11.40 25.46 29.94
N ILE D 96 -11.68 25.37 28.64
CA ILE D 96 -10.66 25.58 27.63
C ILE D 96 -10.91 26.99 27.06
N LYS D 97 -10.01 27.92 27.41
CA LYS D 97 -10.17 29.33 27.08
C LYS D 97 -9.96 29.65 25.60
N ASN D 98 -9.01 28.96 24.96
CA ASN D 98 -8.66 29.27 23.58
C ASN D 98 -9.74 28.71 22.65
N ASN D 99 -10.38 29.55 21.84
CA ASN D 99 -11.55 29.12 21.07
C ASN D 99 -11.29 27.94 20.12
N CYS D 100 -10.20 28.00 19.38
CA CYS D 100 -9.91 26.93 18.44
C CYS D 100 -9.65 25.64 19.18
N ASP D 101 -8.94 25.75 20.29
CA ASP D 101 -8.67 24.56 21.10
C ASP D 101 -9.95 23.94 21.62
N ALA D 102 -10.86 24.79 22.10
CA ALA D 102 -12.12 24.31 22.66
C ALA D 102 -12.97 23.61 21.61
N ALA D 103 -13.14 24.25 20.44
CA ALA D 103 -13.75 23.61 19.27
C ALA D 103 -13.16 22.21 18.95
N TYR D 104 -11.84 22.11 18.96
CA TYR D 104 -11.16 20.87 18.60
C TYR D 104 -11.46 19.74 19.62
N VAL D 105 -11.43 20.10 20.88
CA VAL D 105 -11.79 19.14 21.93
C VAL D 105 -13.25 18.68 21.79
N LEU D 106 -14.14 19.61 21.47
CA LEU D 106 -15.53 19.21 21.20
C LEU D 106 -15.64 18.24 20.03
N LEU D 107 -14.95 18.54 18.92
CA LEU D 107 -15.00 17.68 17.73
C LEU D 107 -14.58 16.26 18.09
N GLN D 108 -13.47 16.16 18.82
CA GLN D 108 -12.95 14.84 19.20
C GLN D 108 -14.00 14.08 19.98
N CYS D 109 -14.65 14.78 20.90
CA CYS D 109 -15.67 14.13 21.71
C CYS D 109 -16.87 13.73 20.86
N LEU D 110 -17.32 14.60 19.94
CA LEU D 110 -18.49 14.25 19.13
C LEU D 110 -18.20 13.06 18.27
N SER D 111 -16.97 13.02 17.76
CA SER D 111 -16.59 12.02 16.78
C SER D 111 -16.55 10.65 17.45
N LYS D 112 -16.01 10.64 18.66
CA LYS D 112 -15.92 9.42 19.45
C LYS D 112 -17.27 8.84 19.90
N ASN D 113 -18.25 9.70 20.09
CA ASN D 113 -19.50 9.31 20.72
C ASN D 113 -20.70 9.35 19.74
N ASN D 114 -20.41 9.50 18.45
CA ASN D 114 -21.46 9.39 17.44
C ASN D 114 -21.09 8.43 16.32
N PRO D 115 -21.61 7.20 16.35
CA PRO D 115 -21.25 6.19 15.33
C PRO D 115 -21.71 6.54 13.91
N LYS D 116 -22.54 7.59 13.78
CA LYS D 116 -22.96 8.11 12.49
C LYS D 116 -22.41 9.50 12.28
N PHE D 117 -21.24 9.78 12.86
CA PHE D 117 -20.67 11.11 12.77
C PHE D 117 -20.32 11.47 11.31
N ILE D 118 -20.59 12.73 10.98
CA ILE D 118 -20.17 13.34 9.75
C ILE D 118 -19.82 14.82 10.04
N PHE D 119 -18.89 15.39 9.28
CA PHE D 119 -18.39 16.75 9.55
C PHE D 119 -17.89 17.35 8.25
N PRO D 120 -18.20 18.64 7.99
CA PRO D 120 -17.78 19.30 6.74
C PRO D 120 -16.27 19.22 6.47
O10 2PE E . 18.07 -8.35 -5.74
C11 2PE E . 17.03 -7.95 -6.55
C12 2PE E . 16.05 -9.06 -6.72
O13 2PE E . 15.78 -9.67 -5.51
C14 2PE E . 14.62 -10.41 -5.34
C15 2PE E . 14.90 -11.53 -4.39
O16 2PE E . 13.73 -12.01 -3.82
C17 2PE E . 13.69 -12.24 -2.46
C18 2PE E . 14.20 -13.60 -2.10
O19 2PE E . 14.60 -13.64 -0.77
C20 2PE E . 14.00 -14.51 0.14
C21 2PE E . 13.39 -13.76 1.28
O22 2PE E . 13.12 -14.57 2.37
C23 2PE E . 13.35 -14.04 3.65
C24 2PE E . 12.07 -13.98 4.43
O25 2PE E . 12.34 -13.92 5.79
C26 2PE E . 11.51 -13.23 6.66
C27 2PE E . 12.20 -13.16 7.99
O28 2PE E . 11.70 -12.11 8.74
C1 PG6 F . 34.55 -15.56 -0.51
O1 PG6 F . 34.31 -14.59 -1.46
C2 PG6 F . 33.06 -14.34 -1.93
C3 PG6 F . 33.08 -13.08 -2.75
O2 PG6 F . 32.41 -13.24 -3.96
C4 PG6 F . 32.46 -12.28 -4.97
C5 PG6 F . 31.54 -12.62 -6.11
O3 PG6 F . 30.20 -12.34 -5.79
C6 PG6 F . 29.16 -12.26 -6.76
C7 PG6 F . 29.56 -13.02 -8.02
O4 PG6 F . 28.40 -13.12 -8.88
C8 PG6 F . 28.54 -13.69 -10.12
C9 PG6 F . 27.19 -13.83 -10.77
O5 PG6 F . 26.75 -15.13 -10.60
C10 PG6 F . 25.99 -15.75 -11.57
C11 PG6 F . 26.44 -15.32 -12.96
O6 PG6 F . 25.78 -16.09 -13.91
H21 PG6 F . 32.44 -14.24 -1.19
H22 PG6 F . 32.78 -15.09 -2.50
H31 PG6 F . 32.66 -12.36 -2.25
H32 PG6 F . 34.02 -12.83 -2.94
H41 PG6 F . 32.19 -11.41 -4.59
H42 PG6 F . 33.37 -12.21 -5.31
H51 PG6 F . 31.79 -12.10 -6.88
H52 PG6 F . 31.64 -13.57 -6.33
H61 PG6 F . 29.00 -11.32 -6.99
H62 PG6 F . 28.34 -12.64 -6.39
H71 PG6 F . 30.27 -12.53 -8.50
H72 PG6 F . 29.88 -13.92 -7.79
H81 PG6 F . 28.97 -14.56 -10.05
H82 PG6 F . 29.10 -13.11 -10.66
H91 PG6 F . 27.25 -13.63 -11.73
H92 PG6 F . 26.56 -13.21 -10.35
H101 PG6 F . 26.09 -16.71 -11.49
H102 PG6 F . 25.05 -15.51 -11.44
H111 PG6 F . 26.21 -14.38 -13.09
H112 PG6 F . 27.38 -15.44 -13.05
C1 PG6 G . -23.74 3.94 -10.98
O1 PG6 G . -23.37 4.56 -9.81
C2 PG6 G . -23.18 3.79 -8.71
C3 PG6 G . -22.88 4.61 -7.51
O2 PG6 G . -22.99 3.85 -6.36
C4 PG6 G . -22.61 4.41 -5.11
C5 PG6 G . -22.97 5.86 -5.07
O3 PG6 G . -22.67 6.48 -3.84
C6 PG6 G . -22.22 5.69 -2.73
C7 PG6 G . -21.48 6.51 -1.69
O4 PG6 G . -21.95 7.86 -1.47
C8 PG6 G . -21.60 8.49 -0.26
C9 PG6 G . -20.10 8.62 -0.10
O5 PG6 G . -19.72 8.70 1.21
C10 PG6 G . -18.89 9.71 1.66
C11 PG6 G . -17.44 9.28 1.60
O6 PG6 G . -16.61 10.34 1.97
H11 PG6 G . -24.11 4.60 -11.60
H12 PG6 G . -22.95 3.52 -11.39
H13 PG6 G . -24.41 3.26 -10.81
H21 PG6 G . -23.98 3.27 -8.55
H22 PG6 G . -22.43 3.17 -8.88
H31 PG6 G . -21.97 4.97 -7.57
H32 PG6 G . -23.52 5.36 -7.47
H41 PG6 G . -23.07 3.93 -4.39
H42 PG6 G . -21.65 4.32 -5.00
H51 PG6 G . -22.48 6.33 -5.77
H52 PG6 G . -23.93 5.96 -5.24
H61 PG6 G . -21.61 5.00 -3.08
H62 PG6 G . -22.98 5.26 -2.32
H71 PG6 G . -20.53 6.56 -1.97
H72 PG6 G . -21.52 6.02 -0.84
H81 PG6 G . -21.97 7.99 0.49
H82 PG6 G . -21.99 9.38 -0.24
H91 PG6 G . -19.64 7.86 -0.53
H101 PG6 G . -19.02 10.51 1.12
H102 PG6 G . -19.12 9.93 2.60
H111 PG6 G . -17.22 9.00 0.70
H112 PG6 G . -17.30 8.56 2.21
C1 PG6 H . -16.61 16.04 1.74
O1 PG6 H . -16.69 16.94 2.79
C2 PG6 H . -17.64 17.89 2.84
C3 PG6 H . -18.97 17.33 2.44
O2 PG6 H . -19.47 16.53 3.44
C4 PG6 H . -20.85 16.32 3.51
C5 PG6 H . -21.46 17.49 4.21
O3 PG6 H . -21.23 17.34 5.57
C6 PG6 H . -22.36 17.26 6.45
C7 PG6 H . -22.50 18.51 7.32
O4 PG6 H . -22.90 18.14 8.67
C8 PG6 H . -22.38 18.86 9.75
C9 PG6 H . -23.08 18.58 11.08
O5 PG6 H . -22.20 18.88 12.10
C10 PG6 H . -22.60 19.05 13.43
C11 PG6 H . -21.40 19.28 14.35
O6 PG6 H . -21.79 19.93 15.51
H11 PG6 H . -17.29 15.35 1.84
H12 PG6 H . -15.72 15.62 1.73
H13 PG6 H . -16.75 16.51 0.90
H21 PG6 H . -17.41 18.64 2.25
H22 PG6 H . -17.69 18.21 3.77
H31 PG6 H . -19.58 18.08 2.29
H32 PG6 H . -18.87 16.82 1.60
H41 PG6 H . -21.05 15.50 4.00
H42 PG6 H . -21.22 16.26 2.61
H51 PG6 H . -21.04 18.31 3.91
H52 PG6 H . -22.41 17.52 4.04
H61 PG6 H . -22.25 16.48 7.04
H62 PG6 H . -23.17 17.14 5.92
H71 PG6 H . -21.66 19.01 7.35
H72 PG6 H . -23.20 19.10 6.94
H81 PG6 H . -21.44 18.63 9.84
H82 PG6 H . -22.46 19.80 9.55
H91 PG6 H . -23.89 19.15 11.15
H92 PG6 H . -23.34 17.64 11.12
H101 PG6 H . -23.18 19.83 13.48
H102 PG6 H . -23.09 18.26 13.72
H111 PG6 H . -20.73 19.83 13.88
H112 PG6 H . -21.00 18.43 14.56
#